data_5VUB
#
_entry.id   5VUB
#
_cell.length_a   98.100
_cell.length_b   98.100
_cell.length_c   80.610
_cell.angle_alpha   90.000
_cell.angle_beta   90.000
_cell.angle_gamma   120.000
#
_symmetry.space_group_name_H-M   'P 65'
#
loop_
_entity.id
_entity.type
_entity.pdbx_description
1 polymer 'Serine/threonine-protein kinase pim-1'
2 non-polymer GLYCEROL
3 non-polymer (2Z)-6-methoxy-7-(piperazin-1-ylmethyl)-2-(1H-pyrrolo[3,2-b]pyridin-3-ylmethylidene)-1-benzofuran-3-one
4 water water
#
_entity_poly.entity_id   1
_entity_poly.type   'polypeptide(L)'
_entity_poly.pdbx_seq_one_letter_code
;MKEKEPLESQYQVGPLLGSGGFGSVYSGIRVSDNLPVAIKHVEKDRISDWGELPNGTRVPMEVVLLKKVSSGFSGVIRLL
DWFERPDSFVLILERPEPVQDLFDFITERGALQEELARSFFWQVLEAVRHCHN(CSO)GVLHRDIKDENILIDLNRGELK
LIDFGSGALLKDTVYTDFDGTRVYSPPEWIRYHRYHGRSAAVWSLGILLYDMVCGDIPFEHDEEIIRGQVFFRQRVSSEC
QHLIRWCLALRPSDRPTFEEIQNHPWMQDVLLPQETAEIHLHSLSPGPSKSGPSSGENLYFQ
;
_entity_poly.pdbx_strand_id   B
#
loop_
_chem_comp.id
_chem_comp.type
_chem_comp.name
_chem_comp.formula
8GU non-polymer (2Z)-6-methoxy-7-(piperazin-1-ylmethyl)-2-(1H-pyrrolo[3,2-b]pyridin-3-ylmethylidene)-1-benzofuran-3-one 'C22 H22 N4 O3'
GOL non-polymer GLYCEROL 'C3 H8 O3'
#
# COMPACT_ATOMS: atom_id res chain seq x y z
N SER A 9 -4.84 25.62 -14.47
CA SER A 9 -4.15 26.85 -14.10
C SER A 9 -4.10 27.04 -12.58
N GLN A 10 -4.69 26.09 -11.85
CA GLN A 10 -4.77 26.19 -10.39
C GLN A 10 -3.55 25.51 -9.75
N TYR A 11 -2.80 24.78 -10.57
CA TYR A 11 -1.63 24.06 -10.11
C TYR A 11 -0.46 24.31 -11.05
N GLN A 12 0.74 24.45 -10.48
CA GLN A 12 1.94 24.57 -11.27
C GLN A 12 2.53 23.17 -11.46
N VAL A 13 2.61 22.72 -12.71
CA VAL A 13 3.01 21.34 -12.99
C VAL A 13 4.53 21.19 -13.02
N GLY A 14 5.04 20.18 -12.32
CA GLY A 14 6.46 19.89 -12.33
C GLY A 14 6.78 18.62 -13.09
N PRO A 15 7.89 17.97 -12.73
CA PRO A 15 8.39 16.77 -13.42
C PRO A 15 7.53 15.52 -13.23
N LEU A 16 7.51 14.68 -14.26
CA LEU A 16 6.87 13.38 -14.20
C LEU A 16 7.47 12.55 -13.07
N LEU A 17 6.62 11.94 -12.24
CA LEU A 17 7.07 11.09 -11.15
C LEU A 17 7.04 9.62 -11.55
N GLY A 18 6.07 9.26 -12.39
CA GLY A 18 5.97 7.91 -12.89
C GLY A 18 4.79 7.80 -13.83
N SER A 19 4.72 6.71 -14.59
CA SER A 19 3.59 6.49 -15.48
C SER A 19 3.38 5.02 -15.75
N GLY A 20 2.19 4.68 -16.23
CA GLY A 20 1.86 3.33 -16.67
C GLY A 20 0.79 3.40 -17.75
N GLY A 21 0.18 2.26 -18.06
CA GLY A 21 -0.94 2.22 -18.99
C GLY A 21 -2.17 2.85 -18.38
N PHE A 22 -2.22 2.86 -17.05
CA PHE A 22 -3.32 3.50 -16.33
C PHE A 22 -3.31 5.00 -16.55
N GLY A 23 -2.10 5.57 -16.66
CA GLY A 23 -1.93 7.01 -16.67
C GLY A 23 -0.57 7.48 -16.17
N SER A 24 -0.51 8.74 -15.72
CA SER A 24 0.76 9.40 -15.43
C SER A 24 0.64 10.30 -14.22
N VAL A 25 1.71 10.38 -13.44
CA VAL A 25 1.69 11.16 -12.20
C VAL A 25 2.79 12.19 -12.21
N TYR A 26 2.43 13.44 -11.93
CA TYR A 26 3.39 14.54 -11.96
C TYR A 26 3.53 15.16 -10.59
N SER A 27 4.73 15.62 -10.27
CA SER A 27 4.93 16.46 -9.10
C SER A 27 4.27 17.78 -9.43
N GLY A 28 3.75 18.46 -8.41
CA GLY A 28 3.10 19.73 -8.64
C GLY A 28 3.06 20.61 -7.40
N ILE A 29 2.62 21.84 -7.59
CA ILE A 29 2.50 22.81 -6.52
C ILE A 29 1.14 23.50 -6.63
N ARG A 30 0.40 23.56 -5.53
CA ARG A 30 -0.84 24.32 -5.54
C ARG A 30 -0.52 25.81 -5.50
N VAL A 31 -0.91 26.53 -6.54
CA VAL A 31 -0.55 27.94 -6.71
C VAL A 31 -0.96 28.82 -5.52
N SER A 32 -2.16 28.58 -4.97
CA SER A 32 -2.72 29.43 -3.93
C SER A 32 -1.87 29.52 -2.65
N ASP A 33 -1.28 28.40 -2.24
CA ASP A 33 -0.54 28.35 -0.97
C ASP A 33 0.80 27.62 -1.06
N ASN A 34 1.24 27.31 -2.29
CA ASN A 34 2.49 26.59 -2.52
C ASN A 34 2.55 25.17 -1.93
N LEU A 35 1.38 24.59 -1.66
CA LEU A 35 1.33 23.24 -1.13
C LEU A 35 1.85 22.25 -2.17
N PRO A 36 2.74 21.34 -1.74
CA PRO A 36 3.22 20.29 -2.65
C PRO A 36 2.10 19.29 -2.92
N VAL A 37 1.86 18.97 -4.19
CA VAL A 37 0.84 17.98 -4.53
C VAL A 37 1.38 16.99 -5.56
N ALA A 38 0.66 15.89 -5.77
CA ALA A 38 0.90 15.00 -6.89
C ALA A 38 -0.31 15.12 -7.80
N ILE A 39 -0.07 15.22 -9.11
CA ILE A 39 -1.16 15.33 -10.08
C ILE A 39 -1.26 14.05 -10.91
N LYS A 40 -2.30 13.26 -10.66
CA LYS A 40 -2.44 11.94 -11.27
C LYS A 40 -3.48 11.93 -12.39
N HIS A 41 -3.02 11.66 -13.60
CA HIS A 41 -3.89 11.58 -14.77
C HIS A 41 -4.26 10.13 -15.04
N VAL A 42 -5.56 9.87 -15.04
CA VAL A 42 -6.08 8.52 -15.23
C VAL A 42 -6.86 8.46 -16.54
N GLU A 43 -6.39 7.63 -17.49
CA GLU A 43 -7.05 7.50 -18.78
C GLU A 43 -8.40 6.76 -18.63
N LYS A 44 -9.46 7.35 -19.17
CA LYS A 44 -10.81 6.77 -19.06
C LYS A 44 -10.90 5.37 -19.65
N ASP A 45 -10.13 5.11 -20.71
CA ASP A 45 -10.19 3.83 -21.42
C ASP A 45 -9.53 2.69 -20.66
N ARG A 46 -8.74 3.04 -19.63
CA ARG A 46 -7.96 2.03 -18.90
C ARG A 46 -8.47 1.78 -17.47
N ILE A 47 -9.63 2.34 -17.14
CA ILE A 47 -10.13 2.25 -15.77
C ILE A 47 -10.60 0.86 -15.36
N SER A 48 -11.50 0.27 -16.17
CA SER A 48 -12.14 -1.03 -15.88
C SER A 48 -13.16 -0.97 -14.74
N ASP A 49 -12.73 -0.42 -13.60
CA ASP A 49 -13.59 -0.39 -12.42
C ASP A 49 -14.15 1.00 -12.10
N TRP A 50 -15.39 1.22 -12.50
CA TRP A 50 -16.06 2.49 -12.26
C TRP A 50 -16.85 2.46 -10.96
N GLY A 51 -16.75 3.55 -10.20
CA GLY A 51 -17.55 3.73 -9.01
C GLY A 51 -18.57 4.82 -9.23
N GLU A 52 -19.40 5.06 -8.23
CA GLU A 52 -20.39 6.12 -8.31
C GLU A 52 -20.40 6.94 -7.03
N LEU A 53 -20.43 8.26 -7.19
CA LEU A 53 -20.51 9.18 -6.07
C LEU A 53 -21.94 9.16 -5.53
N PRO A 54 -22.14 9.58 -4.27
CA PRO A 54 -23.47 9.69 -3.67
C PRO A 54 -24.41 10.46 -4.57
N ASN A 55 -23.93 11.59 -5.08
CA ASN A 55 -24.66 12.44 -6.01
C ASN A 55 -24.91 11.79 -7.36
N GLY A 56 -24.41 10.58 -7.56
CA GLY A 56 -24.54 9.90 -8.82
C GLY A 56 -23.68 10.54 -9.90
N THR A 57 -22.46 10.03 -10.04
CA THR A 57 -21.52 10.49 -11.05
C THR A 57 -20.50 9.37 -11.23
N ARG A 58 -20.40 8.79 -12.42
CA ARG A 58 -19.43 7.73 -12.62
C ARG A 58 -18.00 8.27 -12.63
N VAL A 59 -17.23 7.81 -11.66
CA VAL A 59 -15.84 8.21 -11.48
C VAL A 59 -15.02 6.94 -11.35
N PRO A 60 -13.69 7.04 -11.48
CA PRO A 60 -12.92 5.83 -11.17
C PRO A 60 -13.15 5.43 -9.72
N MET A 61 -13.23 4.13 -9.46
CA MET A 61 -13.41 3.59 -8.11
C MET A 61 -12.41 4.24 -7.17
N GLU A 62 -11.21 4.47 -7.70
CA GLU A 62 -10.14 5.11 -6.97
C GLU A 62 -10.61 6.40 -6.27
N VAL A 63 -11.37 7.21 -6.99
CA VAL A 63 -11.93 8.42 -6.38
C VAL A 63 -12.91 8.07 -5.25
N VAL A 64 -13.79 7.09 -5.49
CA VAL A 64 -14.72 6.64 -4.44
C VAL A 64 -13.96 6.17 -3.19
N LEU A 65 -12.99 5.29 -3.41
CA LEU A 65 -12.21 4.71 -2.31
C LEU A 65 -11.45 5.78 -1.54
N LEU A 66 -10.81 6.69 -2.26
CA LEU A 66 -10.02 7.73 -1.62
C LEU A 66 -10.90 8.64 -0.75
N LYS A 67 -12.09 8.99 -1.24
CA LYS A 67 -12.99 9.81 -0.45
C LYS A 67 -13.45 9.08 0.83
N LYS A 68 -13.62 7.77 0.75
CA LYS A 68 -14.06 6.98 1.90
C LYS A 68 -12.97 6.91 2.98
N VAL A 69 -11.71 6.94 2.56
CA VAL A 69 -10.57 6.89 3.46
C VAL A 69 -9.96 8.27 3.75
N SER A 70 -10.09 9.20 2.82
CA SER A 70 -9.62 10.57 3.04
C SER A 70 -10.59 11.28 3.98
N SER A 71 -10.29 11.18 5.27
CA SER A 71 -11.15 11.70 6.32
C SER A 71 -10.34 11.69 7.60
N GLY A 72 -10.19 12.85 8.22
CA GLY A 72 -9.28 13.00 9.34
C GLY A 72 -7.87 12.68 8.91
N PHE A 73 -7.01 12.35 9.87
CA PHE A 73 -5.63 11.99 9.55
C PHE A 73 -5.45 10.47 9.49
N SER A 74 -4.48 10.02 8.70
CA SER A 74 -4.08 8.62 8.68
CA SER A 74 -4.09 8.62 8.67
C SER A 74 -2.80 8.42 7.85
N GLY A 75 -2.40 7.16 7.71
CA GLY A 75 -1.25 6.81 6.90
C GLY A 75 -1.73 6.49 5.50
N VAL A 76 -2.75 7.22 5.04
CA VAL A 76 -3.23 7.07 3.67
C VAL A 76 -3.13 8.42 2.98
N ILE A 77 -2.61 8.44 1.76
CA ILE A 77 -2.51 9.67 0.97
CA ILE A 77 -2.53 9.73 1.04
C ILE A 77 -3.90 10.35 0.90
N ARG A 78 -3.94 11.66 1.01
CA ARG A 78 -5.21 12.38 0.97
C ARG A 78 -5.49 12.81 -0.46
N LEU A 79 -6.74 12.61 -0.89
CA LEU A 79 -7.22 13.17 -2.15
C LEU A 79 -7.70 14.60 -1.87
N LEU A 80 -7.08 15.58 -2.51
CA LEU A 80 -7.41 16.98 -2.21
C LEU A 80 -8.50 17.49 -3.12
N ASP A 81 -8.50 17.02 -4.37
CA ASP A 81 -9.48 17.44 -5.36
C ASP A 81 -9.36 16.50 -6.55
N TRP A 82 -10.34 16.60 -7.46
CA TRP A 82 -10.31 15.83 -8.69
C TRP A 82 -11.10 16.57 -9.76
N PHE A 83 -10.76 16.32 -11.02
CA PHE A 83 -11.42 16.97 -12.14
C PHE A 83 -11.70 15.93 -13.22
N GLU A 84 -12.75 16.16 -14.01
CA GLU A 84 -13.01 15.30 -15.16
C GLU A 84 -12.67 16.02 -16.47
N ARG A 85 -12.03 15.29 -17.37
CA ARG A 85 -11.73 15.78 -18.72
C ARG A 85 -12.43 14.86 -19.71
N PRO A 86 -12.53 15.28 -20.98
CA PRO A 86 -13.17 14.42 -21.98
C PRO A 86 -12.68 12.98 -21.97
N ASP A 87 -11.37 12.75 -21.88
CA ASP A 87 -10.82 11.41 -22.00
C ASP A 87 -10.08 10.91 -20.77
N SER A 88 -10.13 11.67 -19.69
CA SER A 88 -9.40 11.29 -18.48
C SER A 88 -10.00 11.93 -17.24
N PHE A 89 -9.55 11.44 -16.08
CA PHE A 89 -9.77 12.13 -14.82
C PHE A 89 -8.41 12.61 -14.31
N VAL A 90 -8.43 13.69 -13.55
CA VAL A 90 -7.20 14.20 -12.94
C VAL A 90 -7.40 14.25 -11.43
N LEU A 91 -6.51 13.58 -10.69
CA LEU A 91 -6.61 13.52 -9.24
C LEU A 91 -5.51 14.38 -8.61
N ILE A 92 -5.89 15.20 -7.64
CA ILE A 92 -4.91 16.01 -6.93
C ILE A 92 -4.68 15.40 -5.57
N LEU A 93 -3.45 14.94 -5.33
CA LEU A 93 -3.14 14.16 -4.14
C LEU A 93 -2.08 14.86 -3.29
N GLU A 94 -2.11 14.58 -1.99
CA GLU A 94 -1.09 15.07 -1.07
C GLU A 94 0.30 14.61 -1.52
N ARG A 95 1.31 15.45 -1.33
CA ARG A 95 2.69 15.05 -1.61
C ARG A 95 3.64 15.45 -0.49
N PRO A 96 4.10 14.47 0.29
CA PRO A 96 5.10 14.77 1.33
C PRO A 96 6.40 15.16 0.66
N GLU A 97 7.22 15.95 1.35
CA GLU A 97 8.50 16.41 0.84
CA GLU A 97 8.50 16.40 0.84
C GLU A 97 9.42 16.79 1.99
N PRO A 98 10.59 16.12 2.09
CA PRO A 98 11.09 15.09 1.18
C PRO A 98 10.43 13.73 1.38
N VAL A 99 10.36 12.96 0.30
CA VAL A 99 9.70 11.67 0.33
C VAL A 99 10.54 10.68 -0.48
N GLN A 100 10.43 9.40 -0.14
CA GLN A 100 10.99 8.31 -0.94
C GLN A 100 10.07 7.11 -0.78
N ASP A 101 9.82 6.38 -1.86
CA ASP A 101 8.98 5.18 -1.70
C ASP A 101 9.81 4.05 -1.07
N LEU A 102 9.12 3.06 -0.53
CA LEU A 102 9.79 1.99 0.20
C LEU A 102 10.64 1.12 -0.73
N PHE A 103 10.20 0.95 -1.97
CA PHE A 103 10.98 0.18 -2.94
C PHE A 103 12.37 0.79 -3.13
N ASP A 104 12.40 2.10 -3.38
CA ASP A 104 13.67 2.81 -3.56
C ASP A 104 14.50 2.78 -2.28
N PHE A 105 13.82 2.96 -1.15
CA PHE A 105 14.48 2.96 0.16
C PHE A 105 15.21 1.64 0.40
N ILE A 106 14.52 0.54 0.19
CA ILE A 106 15.11 -0.78 0.37
C ILE A 106 16.19 -1.06 -0.68
N THR A 107 15.96 -0.61 -1.91
CA THR A 107 16.98 -0.75 -2.95
C THR A 107 18.30 -0.10 -2.53
N GLU A 108 18.21 1.09 -1.93
CA GLU A 108 19.43 1.82 -1.54
C GLU A 108 20.07 1.28 -0.27
N ARG A 109 19.25 0.91 0.70
CA ARG A 109 19.75 0.55 2.02
C ARG A 109 19.95 -0.96 2.20
N GLY A 110 19.35 -1.76 1.31
CA GLY A 110 19.35 -3.20 1.48
C GLY A 110 18.32 -3.62 2.52
N ALA A 111 18.45 -4.83 3.03
CA ALA A 111 17.55 -5.36 4.05
C ALA A 111 17.54 -4.48 5.30
N LEU A 112 16.35 -4.20 5.83
CA LEU A 112 16.21 -3.28 6.94
C LEU A 112 16.44 -3.95 8.30
N GLN A 113 17.11 -3.23 9.21
CA GLN A 113 17.18 -3.67 10.60
C GLN A 113 15.77 -3.94 11.10
N GLU A 114 15.61 -4.96 11.93
CA GLU A 114 14.26 -5.35 12.37
C GLU A 114 13.54 -4.25 13.14
N GLU A 115 14.28 -3.43 13.87
CA GLU A 115 13.65 -2.33 14.60
C GLU A 115 13.01 -1.35 13.61
N LEU A 116 13.66 -1.13 12.48
CA LEU A 116 13.12 -0.24 11.45
C LEU A 116 11.97 -0.92 10.73
N ALA A 117 12.13 -2.21 10.44
CA ALA A 117 11.08 -2.96 9.76
C ALA A 117 9.83 -3.01 10.64
N ARG A 118 10.02 -3.14 11.95
CA ARG A 118 8.89 -3.17 12.88
C ARG A 118 8.11 -1.87 12.83
N SER A 119 8.82 -0.74 12.86
CA SER A 119 8.17 0.57 12.82
C SER A 119 7.38 0.75 11.51
N PHE A 120 8.03 0.49 10.38
CA PHE A 120 7.37 0.62 9.08
C PHE A 120 6.16 -0.33 8.96
N PHE A 121 6.36 -1.59 9.31
CA PHE A 121 5.29 -2.59 9.18
C PHE A 121 4.10 -2.24 10.07
N TRP A 122 4.39 -1.76 11.28
CA TRP A 122 3.34 -1.33 12.18
C TRP A 122 2.50 -0.22 11.55
N GLN A 123 3.17 0.77 10.98
CA GLN A 123 2.46 1.90 10.35
C GLN A 123 1.63 1.45 9.16
N VAL A 124 2.18 0.52 8.38
CA VAL A 124 1.41 -0.03 7.26
C VAL A 124 0.17 -0.75 7.78
N LEU A 125 0.34 -1.53 8.84
CA LEU A 125 -0.80 -2.23 9.43
C LEU A 125 -1.87 -1.23 9.86
N GLU A 126 -1.46 -0.13 10.48
CA GLU A 126 -2.45 0.85 10.96
C GLU A 126 -3.18 1.48 9.78
N ALA A 127 -2.44 1.74 8.70
CA ALA A 127 -3.03 2.32 7.49
C ALA A 127 -4.04 1.37 6.85
N VAL A 128 -3.68 0.10 6.76
CA VAL A 128 -4.56 -0.89 6.15
C VAL A 128 -5.79 -1.12 7.03
N ARG A 129 -5.60 -1.10 8.35
CA ARG A 129 -6.75 -1.23 9.26
C ARG A 129 -7.71 -0.07 9.05
N HIS A 130 -7.16 1.13 8.86
CA HIS A 130 -7.98 2.32 8.63
C HIS A 130 -8.81 2.14 7.37
N CYS A 131 -8.17 1.63 6.30
CA CYS A 131 -8.87 1.37 5.05
C CYS A 131 -10.04 0.41 5.24
N HIS A 132 -9.75 -0.75 5.82
CA HIS A 132 -10.78 -1.78 6.02
C HIS A 132 -11.91 -1.26 6.92
N ASN A 133 -11.56 -0.50 7.94
CA ASN A 133 -12.55 0.20 8.77
C ASN A 133 -13.47 1.11 7.98
N CSO A 134 -12.93 1.72 6.94
CA CSO A 134 -13.69 2.64 6.10
CB CSO A 134 -12.77 3.75 5.56
SG CSO A 134 -12.24 4.80 6.92
C CSO A 134 -14.39 1.93 4.96
O CSO A 134 -15.00 2.57 4.10
OD CSO A 134 -13.67 5.64 7.60
N GLY A 135 -14.30 0.60 4.94
CA GLY A 135 -14.97 -0.20 3.92
C GLY A 135 -14.18 -0.30 2.63
N VAL A 136 -12.87 -0.10 2.73
CA VAL A 136 -12.00 -0.04 1.55
C VAL A 136 -10.91 -1.12 1.56
N LEU A 137 -10.80 -1.84 0.44
CA LEU A 137 -9.77 -2.87 0.28
C LEU A 137 -8.77 -2.40 -0.76
N HIS A 138 -7.48 -2.32 -0.40
CA HIS A 138 -6.48 -1.72 -1.28
C HIS A 138 -6.10 -2.62 -2.48
N ARG A 139 -5.84 -3.89 -2.19
CA ARG A 139 -5.56 -4.91 -3.23
C ARG A 139 -4.20 -4.79 -3.94
N ASP A 140 -3.35 -3.87 -3.52
CA ASP A 140 -2.03 -3.76 -4.14
C ASP A 140 -0.99 -3.23 -3.14
N ILE A 141 -1.08 -3.72 -1.91
CA ILE A 141 -0.10 -3.38 -0.89
C ILE A 141 1.27 -3.92 -1.33
N LYS A 142 2.24 -3.03 -1.47
CA LYS A 142 3.61 -3.43 -1.79
C LYS A 142 4.54 -2.25 -1.58
N ASP A 143 5.84 -2.50 -1.63
CA ASP A 143 6.83 -1.46 -1.32
C ASP A 143 6.69 -0.21 -2.18
N GLU A 144 6.41 -0.41 -3.48
CA GLU A 144 6.27 0.72 -4.41
C GLU A 144 5.09 1.63 -4.07
N ASN A 145 4.11 1.08 -3.36
CA ASN A 145 2.89 1.83 -3.03
C ASN A 145 2.90 2.37 -1.61
N ILE A 146 4.09 2.49 -1.05
CA ILE A 146 4.26 3.04 0.29
C ILE A 146 5.26 4.18 0.24
N LEU A 147 4.82 5.38 0.60
CA LEU A 147 5.70 6.54 0.62
C LEU A 147 6.21 6.77 2.04
N ILE A 148 7.48 7.14 2.14
CA ILE A 148 8.09 7.48 3.43
C ILE A 148 8.28 8.99 3.54
N ASP A 149 7.57 9.62 4.48
CA ASP A 149 7.85 11.01 4.84
C ASP A 149 9.15 10.95 5.63
N LEU A 150 10.24 11.35 4.99
CA LEU A 150 11.57 11.17 5.57
C LEU A 150 11.82 12.02 6.84
N ASN A 151 11.26 13.23 6.87
CA ASN A 151 11.40 14.11 8.03
C ASN A 151 10.65 13.61 9.26
N ARG A 152 9.46 13.06 9.05
CA ARG A 152 8.58 12.70 10.16
C ARG A 152 8.60 11.21 10.48
N GLY A 153 9.20 10.42 9.60
CA GLY A 153 9.26 8.97 9.77
C GLY A 153 7.87 8.35 9.63
N GLU A 154 7.00 9.00 8.89
CA GLU A 154 5.63 8.52 8.69
C GLU A 154 5.44 7.90 7.31
N LEU A 155 4.77 6.76 7.27
CA LEU A 155 4.50 6.06 6.02
C LEU A 155 3.08 6.36 5.52
N LYS A 156 2.92 6.39 4.20
CA LYS A 156 1.60 6.66 3.60
C LYS A 156 1.30 5.69 2.45
N LEU A 157 0.11 5.10 2.48
CA LEU A 157 -0.31 4.17 1.43
C LEU A 157 -0.78 4.95 0.21
N ILE A 158 -0.33 4.57 -0.98
CA ILE A 158 -0.80 5.22 -2.22
C ILE A 158 -1.38 4.24 -3.22
N ASP A 159 -1.95 4.80 -4.30
CA ASP A 159 -2.49 4.04 -5.44
C ASP A 159 -3.62 3.07 -5.07
N PHE A 160 -4.83 3.59 -5.02
CA PHE A 160 -6.01 2.76 -4.79
C PHE A 160 -6.66 2.39 -6.11
N GLY A 161 -5.90 2.52 -7.19
CA GLY A 161 -6.41 2.24 -8.52
C GLY A 161 -6.77 0.79 -8.81
N SER A 162 -6.37 -0.11 -7.92
CA SER A 162 -6.71 -1.52 -8.06
C SER A 162 -7.62 -1.99 -6.94
N GLY A 163 -8.08 -1.04 -6.14
CA GLY A 163 -8.85 -1.37 -4.94
C GLY A 163 -10.32 -1.68 -5.22
N ALA A 164 -11.05 -1.93 -4.14
CA ALA A 164 -12.48 -2.23 -4.25
C ALA A 164 -13.13 -1.94 -2.91
N LEU A 165 -14.45 -1.80 -2.91
CA LEU A 165 -15.20 -1.77 -1.67
C LEU A 165 -14.93 -3.10 -0.96
N LEU A 166 -14.74 -3.03 0.35
CA LEU A 166 -14.52 -4.25 1.12
C LEU A 166 -15.84 -5.00 1.26
N LYS A 167 -15.80 -6.32 1.10
CA LYS A 167 -16.99 -7.16 1.27
C LYS A 167 -16.59 -8.49 1.93
N ASP A 168 -17.58 -9.24 2.40
CA ASP A 168 -17.30 -10.51 3.09
C ASP A 168 -17.38 -11.72 2.16
N THR A 169 -17.78 -11.49 0.92
CA THR A 169 -17.91 -12.56 -0.06
C THR A 169 -16.67 -12.63 -0.95
N VAL A 170 -16.62 -13.60 -1.85
CA VAL A 170 -15.39 -13.84 -2.63
C VAL A 170 -15.17 -12.83 -3.77
N TYR A 171 -13.91 -12.46 -3.99
CA TYR A 171 -13.53 -11.64 -5.14
C TYR A 171 -13.06 -12.55 -6.27
N THR A 172 -13.46 -12.24 -7.51
CA THR A 172 -13.07 -13.04 -8.66
C THR A 172 -12.29 -12.21 -9.67
N ASP A 173 -12.14 -10.92 -9.38
CA ASP A 173 -11.34 -10.03 -10.21
C ASP A 173 -10.08 -9.66 -9.42
N PHE A 174 -8.99 -9.39 -10.14
CA PHE A 174 -7.76 -8.91 -9.51
C PHE A 174 -6.83 -8.29 -10.54
N ASP A 175 -6.33 -7.10 -10.25
CA ASP A 175 -5.40 -6.42 -11.13
C ASP A 175 -4.33 -5.73 -10.31
N GLY A 176 -4.01 -6.32 -9.16
CA GLY A 176 -2.90 -5.84 -8.36
C GLY A 176 -1.61 -6.46 -8.85
N THR A 177 -0.64 -6.62 -7.95
CA THR A 177 0.67 -7.15 -8.33
C THR A 177 0.77 -8.66 -8.07
N ARG A 178 1.03 -9.43 -9.12
CA ARG A 178 0.99 -10.91 -9.04
C ARG A 178 1.90 -11.52 -7.96
N VAL A 179 3.13 -11.03 -7.85
CA VAL A 179 4.09 -11.59 -6.89
C VAL A 179 3.73 -11.29 -5.44
N TYR A 180 2.72 -10.45 -5.23
CA TYR A 180 2.16 -10.21 -3.91
C TYR A 180 0.78 -10.85 -3.75
N SER A 181 0.33 -11.52 -4.79
CA SER A 181 -1.00 -12.13 -4.80
C SER A 181 -0.94 -13.52 -4.19
N PRO A 182 -2.05 -13.96 -3.56
CA PRO A 182 -2.07 -15.19 -2.78
C PRO A 182 -2.25 -16.43 -3.63
N PRO A 183 -1.85 -17.60 -3.10
CA PRO A 183 -1.94 -18.84 -3.86
C PRO A 183 -3.35 -19.18 -4.30
N GLU A 184 -4.36 -18.74 -3.53
CA GLU A 184 -5.74 -19.02 -3.91
C GLU A 184 -6.14 -18.24 -5.16
N TRP A 185 -5.55 -17.06 -5.36
CA TRP A 185 -5.77 -16.32 -6.61
C TRP A 185 -5.09 -17.03 -7.76
N ILE A 186 -3.81 -17.36 -7.58
CA ILE A 186 -3.03 -18.08 -8.60
C ILE A 186 -3.72 -19.37 -9.04
N ARG A 187 -4.24 -20.14 -8.07
CA ARG A 187 -4.85 -21.43 -8.37
C ARG A 187 -6.31 -21.35 -8.85
N TYR A 188 -7.14 -20.57 -8.14
CA TYR A 188 -8.58 -20.63 -8.37
C TYR A 188 -9.20 -19.32 -8.83
N HIS A 189 -8.38 -18.28 -8.97
CA HIS A 189 -8.90 -16.96 -9.31
C HIS A 189 -10.01 -16.55 -8.36
N ARG A 190 -9.82 -16.85 -7.08
CA ARG A 190 -10.76 -16.51 -6.02
C ARG A 190 -9.99 -16.19 -4.75
N TYR A 191 -10.43 -15.18 -4.02
CA TYR A 191 -9.84 -14.84 -2.73
C TYR A 191 -10.84 -14.04 -1.91
N HIS A 192 -10.60 -13.98 -0.61
CA HIS A 192 -11.38 -13.10 0.25
C HIS A 192 -10.49 -11.93 0.65
N GLY A 193 -11.09 -10.78 0.93
CA GLY A 193 -10.34 -9.54 1.06
C GLY A 193 -9.26 -9.50 2.12
N ARG A 194 -9.65 -9.78 3.36
N ARG A 194 -9.65 -9.77 3.37
CA ARG A 194 -8.73 -9.65 4.49
CA ARG A 194 -8.72 -9.66 4.50
C ARG A 194 -7.59 -10.65 4.46
C ARG A 194 -7.57 -10.65 4.40
N SER A 195 -7.89 -11.92 4.19
CA SER A 195 -6.85 -12.94 4.13
C SER A 195 -5.88 -12.70 2.96
N ALA A 196 -6.38 -12.13 1.86
CA ALA A 196 -5.48 -11.80 0.75
C ALA A 196 -4.59 -10.61 1.12
N ALA A 197 -5.16 -9.65 1.84
CA ALA A 197 -4.37 -8.52 2.32
C ALA A 197 -3.25 -9.01 3.23
N VAL A 198 -3.58 -9.92 4.14
CA VAL A 198 -2.59 -10.44 5.09
C VAL A 198 -1.46 -11.17 4.35
N TRP A 199 -1.81 -11.91 3.30
CA TRP A 199 -0.77 -12.54 2.48
C TRP A 199 0.18 -11.50 1.91
N SER A 200 -0.35 -10.43 1.31
CA SER A 200 0.52 -9.41 0.71
C SER A 200 1.37 -8.75 1.80
N LEU A 201 0.82 -8.66 3.01
CA LEU A 201 1.57 -8.08 4.13
C LEU A 201 2.73 -8.99 4.53
N GLY A 202 2.52 -10.31 4.45
CA GLY A 202 3.60 -11.26 4.65
C GLY A 202 4.71 -11.07 3.64
N ILE A 203 4.34 -10.93 2.37
CA ILE A 203 5.32 -10.67 1.31
C ILE A 203 6.09 -9.38 1.60
N LEU A 204 5.35 -8.36 2.04
CA LEU A 204 5.94 -7.06 2.33
C LEU A 204 6.93 -7.11 3.49
N LEU A 205 6.58 -7.82 4.56
CA LEU A 205 7.46 -7.93 5.72
C LEU A 205 8.72 -8.72 5.37
N TYR A 206 8.57 -9.80 4.60
CA TYR A 206 9.73 -10.52 4.12
C TYR A 206 10.63 -9.56 3.33
N ASP A 207 10.02 -8.79 2.43
CA ASP A 207 10.75 -7.84 1.59
C ASP A 207 11.54 -6.85 2.44
N MET A 208 10.93 -6.35 3.51
CA MET A 208 11.60 -5.41 4.40
C MET A 208 12.82 -6.03 5.07
N VAL A 209 12.68 -7.23 5.64
CA VAL A 209 13.79 -7.80 6.41
C VAL A 209 14.81 -8.59 5.59
N CYS A 210 14.47 -8.94 4.35
CA CYS A 210 15.41 -9.68 3.51
C CYS A 210 15.90 -8.86 2.32
N GLY A 211 15.24 -7.74 2.03
CA GLY A 211 15.68 -6.87 0.95
C GLY A 211 15.24 -7.30 -0.44
N ASP A 212 14.38 -8.31 -0.51
CA ASP A 212 13.77 -8.75 -1.76
C ASP A 212 12.56 -9.59 -1.43
N ILE A 213 11.70 -9.85 -2.40
CA ILE A 213 10.49 -10.64 -2.16
C ILE A 213 10.82 -12.14 -2.14
N PRO A 214 9.99 -12.95 -1.44
CA PRO A 214 10.31 -14.38 -1.31
C PRO A 214 10.01 -15.21 -2.55
N PHE A 215 9.00 -14.82 -3.33
CA PHE A 215 8.54 -15.63 -4.46
C PHE A 215 8.59 -14.84 -5.77
N GLU A 216 9.04 -15.48 -6.84
CA GLU A 216 9.06 -14.86 -8.17
C GLU A 216 8.09 -15.54 -9.11
N HIS A 217 8.04 -16.87 -9.04
CA HIS A 217 7.23 -17.65 -9.97
C HIS A 217 5.96 -18.21 -9.33
N ASP A 218 4.95 -18.46 -10.15
CA ASP A 218 3.67 -19.01 -9.69
C ASP A 218 3.85 -20.26 -8.82
N GLU A 219 4.72 -21.16 -9.26
CA GLU A 219 4.95 -22.43 -8.57
C GLU A 219 5.50 -22.24 -7.15
N GLU A 220 6.32 -21.20 -6.96
CA GLU A 220 6.84 -20.88 -5.64
C GLU A 220 5.75 -20.37 -4.73
N ILE A 221 4.85 -19.56 -5.29
CA ILE A 221 3.75 -18.98 -4.53
C ILE A 221 2.84 -20.09 -4.00
N ILE A 222 2.49 -21.04 -4.87
CA ILE A 222 1.55 -22.09 -4.48
C ILE A 222 2.19 -23.13 -3.57
N ARG A 223 3.51 -23.32 -3.70
CA ARG A 223 4.22 -24.21 -2.78
C ARG A 223 4.34 -23.56 -1.39
N GLY A 224 4.50 -22.24 -1.37
CA GLY A 224 4.50 -21.48 -0.12
C GLY A 224 5.64 -21.77 0.84
N GLN A 225 6.72 -22.36 0.34
CA GLN A 225 7.88 -22.64 1.18
C GLN A 225 8.76 -21.38 1.27
N VAL A 226 8.91 -20.86 2.49
CA VAL A 226 9.66 -19.62 2.69
C VAL A 226 11.12 -19.92 3.05
N PHE A 227 12.04 -19.45 2.20
CA PHE A 227 13.48 -19.53 2.50
C PHE A 227 14.01 -18.15 2.89
N PHE A 228 14.73 -18.07 4.01
CA PHE A 228 15.30 -16.80 4.43
C PHE A 228 16.74 -16.62 3.97
N ARG A 229 16.97 -15.58 3.17
CA ARG A 229 18.27 -15.34 2.56
C ARG A 229 19.11 -14.37 3.39
N GLN A 230 18.48 -13.80 4.42
CA GLN A 230 19.16 -12.91 5.36
C GLN A 230 18.94 -13.45 6.77
N ARG A 231 19.78 -13.03 7.71
CA ARG A 231 19.57 -13.38 9.10
C ARG A 231 18.30 -12.69 9.56
N VAL A 232 17.32 -13.47 10.03
CA VAL A 232 16.07 -12.90 10.52
C VAL A 232 15.71 -13.62 11.81
N SER A 233 15.28 -12.87 12.83
CA SER A 233 14.99 -13.44 14.13
C SER A 233 13.90 -14.49 14.02
N SER A 234 13.87 -15.44 14.95
CA SER A 234 12.89 -16.51 14.89
C SER A 234 11.46 -15.98 15.00
N GLU A 235 11.27 -14.95 15.82
CA GLU A 235 9.94 -14.37 15.98
C GLU A 235 9.43 -13.74 14.70
N CYS A 236 10.30 -12.99 14.02
CA CYS A 236 9.92 -12.36 12.77
C CYS A 236 9.63 -13.42 11.71
N GLN A 237 10.48 -14.44 11.64
CA GLN A 237 10.27 -15.56 10.73
C GLN A 237 8.90 -16.19 10.96
N HIS A 238 8.53 -16.36 12.23
CA HIS A 238 7.26 -16.98 12.58
C HIS A 238 6.08 -16.14 12.06
N LEU A 239 6.15 -14.83 12.26
CA LEU A 239 5.07 -13.94 11.82
C LEU A 239 4.94 -13.96 10.31
N ILE A 240 6.07 -13.90 9.62
CA ILE A 240 6.07 -13.99 8.17
C ILE A 240 5.42 -15.28 7.68
N ARG A 241 5.86 -16.43 8.23
CA ARG A 241 5.32 -17.70 7.76
C ARG A 241 3.84 -17.85 8.09
N TRP A 242 3.40 -17.16 9.15
CA TRP A 242 2.00 -17.17 9.56
C TRP A 242 1.15 -16.36 8.57
N CYS A 243 1.60 -15.16 8.24
CA CYS A 243 0.96 -14.35 7.19
C CYS A 243 0.93 -15.07 5.85
N LEU A 244 1.92 -15.92 5.60
CA LEU A 244 2.04 -16.64 4.33
C LEU A 244 1.54 -18.07 4.42
N ALA A 245 0.63 -18.34 5.36
CA ALA A 245 -0.01 -19.65 5.42
C ALA A 245 -0.72 -19.93 4.10
N LEU A 246 -0.59 -21.15 3.59
CA LEU A 246 -1.24 -21.54 2.34
C LEU A 246 -2.77 -21.46 2.46
N ARG A 247 -3.32 -21.99 3.55
CA ARG A 247 -4.76 -21.90 3.77
C ARG A 247 -5.11 -20.51 4.29
N PRO A 248 -5.98 -19.79 3.57
CA PRO A 248 -6.32 -18.41 3.93
C PRO A 248 -6.83 -18.28 5.37
N SER A 249 -7.64 -19.24 5.82
CA SER A 249 -8.18 -19.21 7.18
C SER A 249 -7.12 -19.46 8.25
N ASP A 250 -5.94 -19.92 7.84
CA ASP A 250 -4.84 -20.14 8.77
C ASP A 250 -4.03 -18.87 9.02
N ARG A 251 -4.32 -17.82 8.25
CA ARG A 251 -3.57 -16.57 8.37
C ARG A 251 -4.07 -15.78 9.57
N PRO A 252 -3.20 -14.93 10.15
CA PRO A 252 -3.62 -14.14 11.31
C PRO A 252 -4.54 -12.99 10.92
N THR A 253 -5.41 -12.58 11.83
CA THR A 253 -6.17 -11.34 11.68
C THR A 253 -5.23 -10.17 11.93
N PHE A 254 -5.69 -8.95 11.65
CA PHE A 254 -4.87 -7.77 11.91
C PHE A 254 -4.53 -7.67 13.39
N GLU A 255 -5.50 -8.03 14.22
CA GLU A 255 -5.32 -8.02 15.67
C GLU A 255 -4.23 -9.02 16.08
N GLU A 256 -4.23 -10.20 15.47
CA GLU A 256 -3.23 -11.20 15.80
C GLU A 256 -1.84 -10.78 15.34
N ILE A 257 -1.76 -10.10 14.20
CA ILE A 257 -0.48 -9.57 13.74
C ILE A 257 0.05 -8.55 14.73
N GLN A 258 -0.78 -7.57 15.10
CA GLN A 258 -0.30 -6.51 15.99
C GLN A 258 -0.05 -6.98 17.42
N ASN A 259 -0.66 -8.10 17.81
CA ASN A 259 -0.40 -8.67 19.12
C ASN A 259 0.77 -9.67 19.11
N HIS A 260 1.35 -9.91 17.94
CA HIS A 260 2.47 -10.84 17.83
C HIS A 260 3.67 -10.32 18.62
N PRO A 261 4.40 -11.23 19.29
CA PRO A 261 5.55 -10.81 20.10
C PRO A 261 6.58 -10.00 19.30
N TRP A 262 6.76 -10.29 18.02
CA TRP A 262 7.72 -9.53 17.23
C TRP A 262 7.34 -8.06 17.09
N MET A 263 6.04 -7.76 17.25
CA MET A 263 5.52 -6.43 17.00
C MET A 263 5.51 -5.51 18.22
N GLN A 264 5.94 -6.02 19.37
CA GLN A 264 5.85 -5.22 20.58
CA GLN A 264 5.94 -5.29 20.64
C GLN A 264 6.92 -4.13 20.64
N ASP A 265 6.64 -3.11 21.44
CA ASP A 265 7.57 -1.99 21.68
C ASP A 265 7.98 -1.25 20.41
N VAL A 266 7.04 -0.99 19.51
CA VAL A 266 7.33 -0.26 18.28
C VAL A 266 7.86 1.15 18.58
N LEU A 267 8.75 1.65 17.72
CA LEU A 267 9.20 3.04 17.84
C LEU A 267 8.09 3.97 17.39
N LEU A 268 8.08 5.19 17.93
CA LEU A 268 7.26 6.27 17.38
C LEU A 268 7.82 6.68 16.02
N PRO A 269 6.98 7.26 15.15
CA PRO A 269 7.48 7.70 13.84
C PRO A 269 8.63 8.70 13.92
N GLN A 270 8.57 9.67 14.82
CA GLN A 270 9.64 10.66 14.91
C GLN A 270 10.94 10.04 15.45
N GLU A 271 10.81 9.06 16.34
CA GLU A 271 11.97 8.33 16.86
C GLU A 271 12.62 7.55 15.72
N THR A 272 11.76 6.93 14.90
CA THR A 272 12.19 6.17 13.74
C THR A 272 12.98 7.06 12.79
N ALA A 273 12.49 8.26 12.57
CA ALA A 273 13.18 9.22 11.71
C ALA A 273 14.53 9.61 12.28
N GLU A 274 14.56 9.94 13.57
CA GLU A 274 15.78 10.40 14.24
C GLU A 274 16.87 9.31 14.28
N ILE A 275 16.47 8.06 14.46
CA ILE A 275 17.41 6.95 14.53
C ILE A 275 17.81 6.40 13.15
N HIS A 276 16.84 6.27 12.25
CA HIS A 276 17.07 5.53 11.02
C HIS A 276 17.06 6.35 9.73
N LEU A 277 16.51 7.56 9.78
CA LEU A 277 16.35 8.33 8.55
C LEU A 277 17.26 9.57 8.51
N HIS A 278 17.77 9.97 9.67
CA HIS A 278 18.59 11.18 9.77
C HIS A 278 20.07 10.84 9.86
C1 GOL B . 12.80 -3.44 -2.92
O1 GOL B . 11.73 -3.43 -2.00
C2 GOL B . 13.28 -4.86 -3.15
O2 GOL B . 12.21 -5.64 -3.66
C3 GOL B . 14.42 -4.84 -4.17
O3 GOL B . 15.07 -6.09 -4.19
C15 8GU C . 4.86 6.57 -6.67
C17 8GU C . 0.67 8.03 -6.70
C20 8GU C . 0.60 10.78 -4.11
C22 8GU C . 2.80 11.25 -4.20
C26 8GU C . 5.10 11.22 -4.74
C28 8GU C . -0.18 6.98 -7.38
C01 8GU C . 3.91 4.24 -11.78
O02 8GU C . 3.86 5.42 -10.96
C03 8GU C . 2.78 5.71 -10.13
C04 8GU C . 1.55 5.05 -10.21
C05 8GU C . 0.50 5.40 -9.35
C06 8GU C . 0.69 6.40 -8.41
C07 8GU C . 1.93 7.06 -8.31
C08 8GU C . 3.01 6.75 -9.17
C09 8GU C . 4.34 7.44 -9.07
N10 8GU C . 5.36 6.87 -8.04
C11 8GU C . 5.85 5.57 -8.66
C12 8GU C . 6.94 4.88 -7.82
N13 8GU C . 6.37 4.57 -6.45
C14 8GU C . 5.95 5.84 -5.80
O16 8GU C . 1.92 8.00 -7.33
C18 8GU C . 0.33 8.85 -5.69
C19 8GU C . 1.12 9.86 -5.00
N21 8GU C . 1.59 11.62 -3.62
C23 8GU C . 2.55 10.15 -5.09
N24 8GU C . 3.58 9.59 -5.78
C25 8GU C . 4.79 10.13 -5.60
C27 8GU C . 4.09 11.80 -4.02
O29 8GU C . -1.34 6.69 -7.12
#